data_1UXW
#
_entry.id   1UXW
#
_cell.length_a   50.920
_cell.length_b   82.595
_cell.length_c   62.790
_cell.angle_alpha   90.00
_cell.angle_beta   104.35
_cell.angle_gamma   90.00
#
_symmetry.space_group_name_H-M   'P 1 21 1'
#
loop_
_entity.id
_entity.type
_entity.pdbx_description
1 polymer 'HLA CLASS I HISTOCOMPATIBILITY ANTIGEN B-27 ALPHA CHAIN'
2 polymer BETA-2-MICROGLOBULIN
3 polymer 'GENE TERMINAL PROTEIN (MEMBRANE PROTEIN LMP-2A/LMP-2B)'
4 non-polymer GLYCEROL
5 water water
#
loop_
_entity_poly.entity_id
_entity_poly.type
_entity_poly.pdbx_seq_one_letter_code
_entity_poly.pdbx_strand_id
1 'polypeptide(L)'
;GSHSMRYFHTSVSRPGRGEPRFITVGYVDDTLFVRFDSDAASPREEPRAPWIEQEGPEYWDRETQICKAKAQTDREDLRT
LLRYYNQSEAGSHTLQNMYGCDVGPDGRLLRGYHQHAYDGKDYIALNEDLSSWTAADTAAQITQRKWEAARVAEQLRAYL
EGECVEWLRRYLENGKETLQRADPPKTHVTHHPISDHEATLRCWALGFYPAEITLTWQRDGEDQTQDTELVETRPAGDRT
FQKWAAVVVPSGEEQRYTCHVQHEGLPKPLTLRWEP
;
A
2 'polypeptide(L)'
;MIQRTPKIQVYSRHPAENGKSNFLNCYVSGFHPSDIEVDLLKNGERIEKVEHSDLSFSKDWSFYLLYYTEFTPTEKDEYA
CRVNHVTLSQPKIVKWDRDM
;
B
3 'polypeptide(L)' RRRWRRLTV C
#
loop_
_chem_comp.id
_chem_comp.type
_chem_comp.name
_chem_comp.formula
GOL non-polymer GLYCEROL 'C3 H8 O3'
#
# COMPACT_ATOMS: atom_id res chain seq x y z
N GLY A 1 -3.61 -3.92 21.82
CA GLY A 1 -3.13 -2.94 20.76
C GLY A 1 -4.31 -2.40 19.94
N SER A 2 -4.10 -1.35 19.16
CA SER A 2 -5.19 -0.82 18.30
C SER A 2 -5.09 -1.39 16.90
N HIS A 3 -6.21 -1.46 16.19
CA HIS A 3 -6.25 -2.18 14.92
C HIS A 3 -7.17 -1.46 13.93
N SER A 4 -7.05 -1.81 12.67
CA SER A 4 -7.87 -1.22 11.66
C SER A 4 -8.33 -2.26 10.65
N MET A 5 -9.47 -2.00 10.00
CA MET A 5 -9.88 -2.78 8.81
C MET A 5 -10.21 -1.79 7.72
N ARG A 6 -9.82 -2.10 6.49
CA ARG A 6 -10.05 -1.21 5.35
C ARG A 6 -10.40 -1.99 4.13
N TYR A 7 -11.40 -1.53 3.38
CA TYR A 7 -11.68 -2.01 2.03
C TYR A 7 -11.41 -0.87 1.05
N PHE A 8 -10.57 -1.17 0.05
CA PHE A 8 -10.13 -0.24 -0.96
C PHE A 8 -10.74 -0.71 -2.29
N HIS A 9 -11.17 0.25 -3.10
CA HIS A 9 -11.81 -0.05 -4.37
C HIS A 9 -11.34 0.96 -5.43
N THR A 10 -10.98 0.46 -6.61
CA THR A 10 -10.57 1.27 -7.75
C THR A 10 -11.22 0.75 -9.02
N SER A 11 -11.93 1.61 -9.73
CA SER A 11 -12.32 1.36 -11.13
C SER A 11 -11.65 2.36 -12.06
N VAL A 12 -11.24 1.86 -13.23
CA VAL A 12 -10.55 2.66 -14.21
C VAL A 12 -11.21 2.42 -15.53
N SER A 13 -11.78 3.46 -16.12
CA SER A 13 -12.44 3.30 -17.42
C SER A 13 -11.41 3.21 -18.53
N ARG A 14 -11.83 2.60 -19.62
CA ARG A 14 -10.97 2.39 -20.77
C ARG A 14 -11.83 2.43 -22.05
N PRO A 15 -12.29 3.63 -22.39
CA PRO A 15 -13.20 3.75 -23.53
C PRO A 15 -12.62 3.18 -24.80
N GLY A 16 -13.46 2.41 -25.46
CA GLY A 16 -13.08 1.70 -26.67
C GLY A 16 -12.39 0.38 -26.42
N ARG A 17 -12.18 0.06 -25.14
CA ARG A 17 -11.48 -1.16 -24.74
C ARG A 17 -12.30 -1.91 -23.69
N GLY A 18 -13.63 -1.93 -23.90
CA GLY A 18 -14.54 -2.65 -23.01
C GLY A 18 -14.95 -1.80 -21.80
N GLU A 19 -15.48 -2.51 -20.82
CA GLU A 19 -15.97 -1.89 -19.59
C GLU A 19 -14.80 -1.64 -18.66
N PRO A 20 -15.00 -0.76 -17.67
CA PRO A 20 -13.96 -0.50 -16.69
C PRO A 20 -13.43 -1.72 -15.95
N ARG A 21 -12.15 -1.64 -15.62
CA ARG A 21 -11.52 -2.63 -14.72
C ARG A 21 -11.73 -2.24 -13.28
N PHE A 22 -12.21 -3.20 -12.50
CA PHE A 22 -12.48 -3.03 -11.06
C PHE A 22 -11.60 -3.94 -10.20
N ILE A 23 -10.89 -3.33 -9.26
CA ILE A 23 -10.05 -4.10 -8.32
C ILE A 23 -10.35 -3.63 -6.93
N THR A 24 -10.65 -4.58 -6.03
CA THR A 24 -10.83 -4.25 -4.63
C THR A 24 -10.01 -5.21 -3.77
N VAL A 25 -9.44 -4.65 -2.71
CA VAL A 25 -8.68 -5.42 -1.73
C VAL A 25 -9.13 -5.06 -0.33
N GLY A 26 -9.00 -5.99 0.61
CA GLY A 26 -9.26 -5.73 2.01
C GLY A 26 -8.03 -5.95 2.84
N TYR A 27 -7.81 -5.12 3.86
CA TYR A 27 -6.71 -5.18 4.80
C TYR A 27 -7.24 -5.18 6.22
N VAL A 28 -6.56 -5.96 7.08
CA VAL A 28 -6.57 -5.76 8.53
C VAL A 28 -5.17 -5.28 8.91
N ASP A 29 -5.08 -4.12 9.54
CA ASP A 29 -3.75 -3.50 9.79
C ASP A 29 -2.96 -3.43 8.47
N ASP A 30 -1.72 -3.91 8.45
CA ASP A 30 -0.90 -3.95 7.24
C ASP A 30 -0.93 -5.28 6.51
N THR A 31 -1.97 -6.08 6.79
CA THR A 31 -2.11 -7.41 6.19
C THR A 31 -3.24 -7.46 5.16
N LEU A 32 -2.88 -7.71 3.90
CA LEU A 32 -3.87 -8.01 2.86
C LEU A 32 -4.56 -9.34 3.16
N PHE A 33 -5.89 -9.40 3.12
CA PHE A 33 -6.63 -10.63 3.36
C PHE A 33 -7.63 -11.08 2.32
N VAL A 34 -8.13 -10.19 1.49
CA VAL A 34 -9.06 -10.57 0.41
C VAL A 34 -8.76 -9.68 -0.83
N ARG A 35 -9.09 -10.22 -1.99
CA ARG A 35 -8.97 -9.50 -3.26
C ARG A 35 -10.04 -9.91 -4.24
N PHE A 36 -10.36 -9.02 -5.19
CA PHE A 36 -11.26 -9.29 -6.29
C PHE A 36 -10.80 -8.45 -7.47
N ASP A 37 -10.68 -9.09 -8.63
CA ASP A 37 -10.34 -8.40 -9.88
C ASP A 37 -11.36 -8.80 -10.94
N SER A 38 -12.07 -7.82 -11.50
CA SER A 38 -13.13 -8.05 -12.45
C SER A 38 -12.64 -8.70 -13.73
N ASP A 39 -11.37 -8.55 -14.05
CA ASP A 39 -10.79 -9.13 -15.27
C ASP A 39 -10.39 -10.59 -15.09
N ALA A 40 -10.41 -11.13 -13.87
CA ALA A 40 -10.12 -12.57 -13.71
C ALA A 40 -11.20 -13.42 -14.40
N ALA A 41 -10.86 -14.66 -14.76
CA ALA A 41 -11.74 -15.49 -15.63
CA ALA A 41 -11.80 -15.59 -15.37
C ALA A 41 -13.21 -15.70 -15.25
C ALA A 41 -12.77 -16.02 -14.27
N SER A 42 -13.48 -16.12 -14.01
N SER A 42 -14.07 -15.86 -14.51
CA SER A 42 -14.84 -16.18 -13.49
CA SER A 42 -15.07 -16.14 -13.49
C SER A 42 -14.68 -15.59 -12.10
N PRO A 43 -14.65 -14.27 -12.00
CA PRO A 43 -14.14 -13.63 -10.79
C PRO A 43 -14.91 -13.97 -9.53
N ARG A 44 -14.12 -14.21 -8.48
CA ARG A 44 -14.63 -14.47 -7.15
C ARG A 44 -13.75 -13.67 -6.18
N GLU A 45 -14.27 -13.25 -5.04
CA GLU A 45 -13.35 -12.77 -4.03
C GLU A 45 -12.55 -13.97 -3.52
N GLU A 46 -11.25 -13.76 -3.38
CA GLU A 46 -10.32 -14.80 -2.99
C GLU A 46 -9.59 -14.44 -1.72
N PRO A 47 -9.27 -15.43 -0.90
CA PRO A 47 -8.48 -15.21 0.31
C PRO A 47 -7.03 -14.94 -0.03
N ARG A 48 -6.41 -14.14 0.82
CA ARG A 48 -4.99 -13.83 0.74
C ARG A 48 -4.26 -13.94 2.08
N ALA A 49 -4.96 -14.41 3.11
CA ALA A 49 -4.34 -14.68 4.42
C ALA A 49 -4.92 -15.98 4.96
N PRO A 50 -4.13 -16.78 5.67
CA PRO A 50 -4.61 -18.09 6.11
C PRO A 50 -5.86 -18.09 7.01
N TRP A 51 -5.94 -17.06 7.84
CA TRP A 51 -7.01 -16.99 8.83
C TRP A 51 -8.38 -16.67 8.27
N ILE A 52 -8.45 -16.20 7.02
CA ILE A 52 -9.76 -15.99 6.42
C ILE A 52 -10.23 -17.20 5.64
N GLU A 53 -9.31 -18.12 5.35
CA GLU A 53 -9.66 -19.31 4.54
C GLU A 53 -10.75 -20.20 5.15
N GLN A 54 -10.87 -20.18 6.48
CA GLN A 54 -11.86 -20.97 7.21
C GLN A 54 -13.30 -20.47 7.09
N GLU A 55 -13.50 -19.23 6.63
CA GLU A 55 -14.84 -18.78 6.40
C GLU A 55 -15.43 -19.72 5.35
N GLY A 56 -16.67 -20.08 5.58
CA GLY A 56 -17.37 -21.04 4.75
C GLY A 56 -17.84 -20.48 3.42
N PRO A 57 -18.38 -21.34 2.58
CA PRO A 57 -18.89 -20.93 1.27
C PRO A 57 -19.84 -19.76 1.26
N GLU A 58 -20.75 -19.67 2.23
CA GLU A 58 -21.72 -18.61 2.28
C GLU A 58 -21.02 -17.24 2.43
N TYR A 59 -19.91 -17.23 3.16
CA TYR A 59 -19.11 -15.99 3.31
C TYR A 59 -18.57 -15.55 1.95
N TRP A 60 -17.95 -16.46 1.22
CA TRP A 60 -17.37 -16.12 -0.08
C TRP A 60 -18.43 -15.80 -1.12
N ASP A 61 -19.57 -16.46 -1.05
CA ASP A 61 -20.64 -16.13 -2.00
C ASP A 61 -21.16 -14.71 -1.79
N ARG A 62 -21.39 -14.32 -0.54
CA ARG A 62 -21.92 -12.99 -0.22
C ARG A 62 -20.86 -11.93 -0.60
N GLU A 63 -19.62 -12.18 -0.25
CA GLU A 63 -18.52 -11.25 -0.59
C GLU A 63 -18.47 -11.04 -2.09
N THR A 64 -18.59 -12.13 -2.84
CA THR A 64 -18.50 -12.07 -4.27
C THR A 64 -19.68 -11.30 -4.86
N GLN A 65 -20.86 -11.48 -4.31
CA GLN A 65 -22.02 -10.70 -4.72
C GLN A 65 -21.79 -9.20 -4.55
N ILE A 66 -21.23 -8.80 -3.40
CA ILE A 66 -20.97 -7.42 -3.12
C ILE A 66 -19.92 -6.84 -4.09
N CYS A 67 -18.90 -7.63 -4.35
CA CYS A 67 -17.83 -7.17 -5.19
C CYS A 67 -18.36 -6.94 -6.61
N LYS A 68 -19.14 -7.89 -7.11
CA LYS A 68 -19.72 -7.79 -8.44
C LYS A 68 -20.69 -6.59 -8.51
N ALA A 69 -21.46 -6.40 -7.46
CA ALA A 69 -22.37 -5.24 -7.35
C ALA A 69 -21.59 -3.92 -7.39
N LYS A 70 -20.50 -3.87 -6.67
CA LYS A 70 -19.68 -2.65 -6.62
C LYS A 70 -19.06 -2.38 -7.98
N ALA A 71 -18.64 -3.41 -8.69
CA ALA A 71 -18.15 -3.16 -10.05
C ALA A 71 -19.25 -2.50 -10.90
N GLN A 72 -20.49 -2.97 -10.75
CA GLN A 72 -21.62 -2.44 -11.51
C GLN A 72 -21.93 -1.02 -11.12
N THR A 73 -21.94 -0.73 -9.82
CA THR A 73 -22.23 0.64 -9.40
C THR A 73 -21.13 1.60 -9.79
N ASP A 74 -19.88 1.15 -9.79
CA ASP A 74 -18.76 1.96 -10.23
C ASP A 74 -18.86 2.26 -11.71
N ARG A 75 -19.35 1.31 -12.52
CA ARG A 75 -19.57 1.59 -13.94
C ARG A 75 -20.58 2.72 -14.09
N GLU A 76 -21.67 2.62 -13.35
CA GLU A 76 -22.70 3.64 -13.39
C GLU A 76 -22.14 5.00 -12.90
N ASP A 77 -21.41 4.98 -11.80
CA ASP A 77 -20.84 6.21 -11.23
C ASP A 77 -19.85 6.91 -12.17
N LEU A 78 -19.04 6.14 -12.87
CA LEU A 78 -18.11 6.72 -13.85
C LEU A 78 -18.92 7.43 -14.96
N ARG A 79 -20.03 6.85 -15.40
CA ARG A 79 -20.87 7.53 -16.40
C ARG A 79 -21.48 8.84 -15.82
N THR A 80 -21.94 8.79 -14.59
CA THR A 80 -22.51 9.95 -13.90
C THR A 80 -21.49 11.06 -13.75
N LEU A 81 -20.27 10.67 -13.36
CA LEU A 81 -19.22 11.65 -13.13
C LEU A 81 -18.81 12.34 -14.42
N LEU A 82 -18.86 11.67 -15.58
CA LEU A 82 -18.65 12.37 -16.83
C LEU A 82 -19.61 13.50 -17.01
N ARG A 83 -20.87 13.24 -16.69
CA ARG A 83 -21.87 14.29 -16.76
C ARG A 83 -21.59 15.43 -15.79
N TYR A 84 -21.23 15.08 -14.55
CA TYR A 84 -21.07 16.10 -13.50
C TYR A 84 -19.92 17.04 -13.76
N TYR A 85 -18.93 16.58 -14.52
CA TYR A 85 -17.76 17.38 -14.86
C TYR A 85 -17.68 17.77 -16.33
N ASN A 86 -18.78 17.59 -17.06
CA ASN A 86 -18.90 17.95 -18.49
C ASN A 86 -17.75 17.40 -19.33
N GLN A 87 -17.43 16.13 -19.09
CA GLN A 87 -16.31 15.48 -19.73
C GLN A 87 -16.76 14.59 -20.90
N SER A 88 -15.89 14.49 -21.88
CA SER A 88 -16.19 13.63 -23.03
C SER A 88 -16.07 12.15 -22.67
N GLU A 89 -16.58 11.32 -23.55
CA GLU A 89 -16.52 9.88 -23.35
C GLU A 89 -15.19 9.29 -23.81
N ALA A 90 -14.25 10.13 -24.22
CA ALA A 90 -13.00 9.65 -24.81
C ALA A 90 -11.86 9.26 -23.84
N GLY A 91 -11.84 9.85 -22.66
CA GLY A 91 -10.71 9.65 -21.76
C GLY A 91 -10.94 8.58 -20.70
N SER A 92 -9.85 8.04 -20.19
CA SER A 92 -9.85 7.18 -19.01
C SER A 92 -9.95 8.03 -17.73
N HIS A 93 -10.82 7.58 -16.83
CA HIS A 93 -11.02 8.19 -15.53
C HIS A 93 -10.98 7.13 -14.43
N THR A 94 -10.75 7.59 -13.21
CA THR A 94 -10.50 6.73 -12.06
C THR A 94 -11.47 7.08 -10.95
N LEU A 95 -12.11 6.04 -10.40
CA LEU A 95 -12.98 6.18 -9.25
C LEU A 95 -12.46 5.30 -8.10
N GLN A 96 -12.22 5.93 -6.95
CA GLN A 96 -11.76 5.20 -5.77
C GLN A 96 -12.68 5.39 -4.60
N ASN A 97 -12.81 4.34 -3.80
CA ASN A 97 -13.58 4.42 -2.55
C ASN A 97 -12.81 3.59 -1.50
N MET A 98 -12.70 4.16 -0.32
CA MET A 98 -12.22 3.45 0.85
C MET A 98 -13.24 3.54 1.97
N TYR A 99 -13.38 2.46 2.72
CA TYR A 99 -14.15 2.53 3.99
C TYR A 99 -13.57 1.54 4.98
N GLY A 100 -13.91 1.75 6.25
CA GLY A 100 -13.49 0.84 7.29
C GLY A 100 -13.51 1.48 8.63
N CYS A 101 -12.86 0.83 9.58
CA CYS A 101 -12.99 1.22 10.99
C CYS A 101 -11.68 1.00 11.73
N ASP A 102 -11.46 1.82 12.76
CA ASP A 102 -10.36 1.66 13.70
C ASP A 102 -10.92 1.27 15.04
N VAL A 103 -10.28 0.32 15.73
CA VAL A 103 -10.67 -0.06 17.07
C VAL A 103 -9.48 0.01 18.03
N GLY A 104 -9.80 0.31 19.29
CA GLY A 104 -8.81 0.39 20.35
C GLY A 104 -8.49 -0.97 20.93
N PRO A 105 -7.59 -1.03 21.92
CA PRO A 105 -7.17 -2.31 22.52
C PRO A 105 -8.32 -3.16 23.05
N ASP A 106 -9.30 -2.51 23.64
CA ASP A 106 -10.51 -3.18 24.11
C ASP A 106 -11.57 -3.42 23.04
N GLY A 107 -11.24 -3.15 21.78
CA GLY A 107 -12.14 -3.46 20.69
C GLY A 107 -13.23 -2.46 20.41
N ARG A 108 -13.24 -1.31 21.07
CA ARG A 108 -14.29 -0.32 20.82
C ARG A 108 -13.99 0.54 19.58
N LEU A 109 -15.01 0.97 18.86
CA LEU A 109 -14.81 1.87 17.72
C LEU A 109 -14.05 3.11 18.15
N LEU A 110 -12.96 3.40 17.46
CA LEU A 110 -12.26 4.65 17.66
C LEU A 110 -12.69 5.65 16.59
N ARG A 111 -12.79 5.20 15.32
CA ARG A 111 -13.10 6.11 14.20
C ARG A 111 -13.61 5.23 13.05
N GLY A 112 -14.63 5.68 12.33
CA GLY A 112 -15.06 5.07 11.09
C GLY A 112 -14.73 5.99 9.90
N TYR A 113 -14.62 5.39 8.73
CA TYR A 113 -14.21 6.10 7.49
C TYR A 113 -15.06 5.63 6.33
N HIS A 114 -15.40 6.56 5.43
CA HIS A 114 -16.05 6.23 4.16
C HIS A 114 -15.79 7.41 3.21
N GLN A 115 -14.98 7.23 2.18
CA GLN A 115 -14.61 8.37 1.33
C GLN A 115 -14.40 7.94 -0.11
N HIS A 116 -14.66 8.88 -1.00
CA HIS A 116 -14.54 8.72 -2.46
C HIS A 116 -13.61 9.80 -3.04
N ALA A 117 -12.89 9.41 -4.11
CA ALA A 117 -12.07 10.27 -4.95
C ALA A 117 -12.32 9.99 -6.42
N TYR A 118 -12.29 11.02 -7.23
CA TYR A 118 -12.43 10.91 -8.67
C TYR A 118 -11.18 11.53 -9.30
N ASP A 119 -10.55 10.82 -10.24
CA ASP A 119 -9.34 11.28 -10.85
C ASP A 119 -8.29 11.76 -9.84
N GLY A 120 -8.21 11.03 -8.74
CA GLY A 120 -7.15 11.21 -7.76
C GLY A 120 -7.35 12.35 -6.79
N LYS A 121 -8.53 12.97 -6.84
CA LYS A 121 -8.86 14.13 -6.02
C LYS A 121 -10.03 13.78 -5.10
N ASP A 122 -10.01 14.28 -3.86
CA ASP A 122 -11.15 14.12 -2.98
C ASP A 122 -12.43 14.47 -3.71
N TYR A 123 -13.46 13.64 -3.50
CA TYR A 123 -14.78 13.86 -4.06
C TYR A 123 -15.80 14.11 -2.95
N ILE A 124 -16.10 13.09 -2.14
CA ILE A 124 -16.99 13.26 -1.00
C ILE A 124 -16.53 12.30 0.11
N ALA A 125 -16.56 12.79 1.35
CA ALA A 125 -16.16 12.02 2.51
C ALA A 125 -17.21 12.12 3.60
N LEU A 126 -17.47 10.99 4.23
CA LEU A 126 -18.22 10.97 5.47
C LEU A 126 -17.34 11.56 6.57
N ASN A 127 -17.90 12.51 7.30
CA ASN A 127 -17.21 13.09 8.43
C ASN A 127 -17.07 12.15 9.61
N GLU A 128 -16.21 12.52 10.57
CA GLU A 128 -15.93 11.66 11.73
C GLU A 128 -17.17 11.40 12.56
N ASP A 129 -18.14 12.29 12.52
CA ASP A 129 -19.39 12.08 13.24
C ASP A 129 -20.25 10.93 12.71
N LEU A 130 -19.92 10.44 11.50
CA LEU A 130 -20.69 9.41 10.81
C LEU A 130 -22.12 9.84 10.59
N SER A 131 -22.29 11.14 10.41
CA SER A 131 -23.64 11.72 10.25
C SER A 131 -23.72 12.83 9.24
N SER A 132 -22.61 13.45 8.88
CA SER A 132 -22.58 14.58 7.93
C SER A 132 -21.46 14.37 6.90
N TRP A 133 -21.50 15.17 5.84
CA TRP A 133 -20.63 14.98 4.68
C TRP A 133 -19.75 16.19 4.40
N THR A 134 -18.59 15.91 3.85
CA THR A 134 -17.73 16.94 3.24
C THR A 134 -17.62 16.67 1.73
N ALA A 135 -18.23 17.57 0.96
CA ALA A 135 -18.18 17.58 -0.50
C ALA A 135 -17.07 18.53 -0.99
N ALA A 136 -16.24 18.05 -1.90
CA ALA A 136 -15.07 18.80 -2.34
C ALA A 136 -15.39 19.95 -3.30
N ASP A 137 -16.51 19.82 -4.00
CA ASP A 137 -16.88 20.74 -5.06
C ASP A 137 -18.37 20.66 -5.36
N THR A 138 -18.81 21.42 -6.37
CA THR A 138 -20.25 21.50 -6.65
C THR A 138 -20.83 20.25 -7.24
N ALA A 139 -20.01 19.45 -7.90
CA ALA A 139 -20.41 18.14 -8.39
C ALA A 139 -20.69 17.20 -7.18
N ALA A 140 -19.75 17.12 -6.25
CA ALA A 140 -19.94 16.28 -5.06
C ALA A 140 -21.11 16.76 -4.22
N GLN A 141 -21.44 18.05 -4.29
CA GLN A 141 -22.62 18.55 -3.56
C GLN A 141 -23.90 17.94 -4.14
N ILE A 142 -23.92 17.65 -5.44
CA ILE A 142 -25.08 16.94 -6.01
C ILE A 142 -25.23 15.55 -5.37
N THR A 143 -24.14 14.79 -5.34
CA THR A 143 -24.12 13.53 -4.62
C THR A 143 -24.55 13.69 -3.14
N GLN A 144 -24.02 14.72 -2.47
CA GLN A 144 -24.31 14.94 -1.06
C GLN A 144 -25.82 15.09 -0.87
N ARG A 145 -26.45 15.87 -1.75
CA ARG A 145 -27.89 16.05 -1.67
C ARG A 145 -28.64 14.71 -1.81
N LYS A 146 -28.22 13.88 -2.78
CA LYS A 146 -28.84 12.58 -3.01
C LYS A 146 -28.64 11.67 -1.78
N TRP A 147 -27.44 11.69 -1.20
CA TRP A 147 -27.14 10.81 -0.07
C TRP A 147 -27.79 11.29 1.25
N GLU A 148 -27.97 12.60 1.38
CA GLU A 148 -28.71 13.13 2.53
C GLU A 148 -30.19 12.72 2.38
N ALA A 149 -30.73 12.83 1.17
CA ALA A 149 -32.14 12.49 0.94
C ALA A 149 -32.41 11.02 1.21
N ALA A 150 -31.45 10.14 0.95
CA ALA A 150 -31.56 8.70 1.15
C ALA A 150 -31.07 8.23 2.53
N ARG A 151 -30.61 9.16 3.37
CA ARG A 151 -30.08 8.85 4.69
C ARG A 151 -28.98 7.79 4.65
N VAL A 152 -28.09 7.97 3.69
CA VAL A 152 -26.93 7.11 3.53
C VAL A 152 -26.02 7.14 4.76
N ALA A 153 -25.78 8.32 5.35
CA ALA A 153 -24.85 8.38 6.48
C ALA A 153 -25.33 7.48 7.64
N GLU A 154 -26.64 7.43 7.86
CA GLU A 154 -27.21 6.58 8.91
C GLU A 154 -26.91 5.10 8.64
N GLN A 155 -26.98 4.69 7.38
CA GLN A 155 -26.64 3.33 6.99
C GLN A 155 -25.19 3.06 7.29
N LEU A 156 -24.33 4.01 6.91
CA LEU A 156 -22.89 3.83 7.13
C LEU A 156 -22.52 3.81 8.61
N ARG A 157 -23.13 4.68 9.42
CA ARG A 157 -22.90 4.67 10.85
C ARG A 157 -23.22 3.27 11.41
N ALA A 158 -24.36 2.72 11.02
CA ALA A 158 -24.76 1.46 11.56
C ALA A 158 -23.78 0.35 11.20
N TYR A 159 -23.35 0.34 9.93
CA TYR A 159 -22.35 -0.63 9.48
C TYR A 159 -21.04 -0.46 10.22
N LEU A 160 -20.57 0.79 10.30
CA LEU A 160 -19.25 1.06 10.84
C LEU A 160 -19.12 0.80 12.33
N GLU A 161 -20.16 1.13 13.07
CA GLU A 161 -20.20 0.89 14.51
C GLU A 161 -20.47 -0.55 14.86
N GLY A 162 -21.15 -1.25 13.96
CA GLY A 162 -21.65 -2.60 14.14
C GLY A 162 -20.81 -3.67 13.47
N GLU A 163 -21.20 -4.06 12.27
CA GLU A 163 -20.51 -5.14 11.57
C GLU A 163 -19.04 -4.88 11.38
N CYS A 164 -18.65 -3.65 11.04
CA CYS A 164 -17.22 -3.39 10.79
C CYS A 164 -16.40 -3.78 12.01
N VAL A 165 -16.78 -3.30 13.19
CA VAL A 165 -16.07 -3.59 14.41
C VAL A 165 -16.16 -5.08 14.79
N GLU A 166 -17.33 -5.65 14.66
CA GLU A 166 -17.58 -7.04 15.06
C GLU A 166 -16.76 -8.00 14.21
N TRP A 167 -16.73 -7.76 12.89
CA TRP A 167 -16.00 -8.69 12.03
C TRP A 167 -14.49 -8.48 12.17
N LEU A 168 -14.06 -7.23 12.32
CA LEU A 168 -12.65 -6.94 12.63
C LEU A 168 -12.23 -7.73 13.86
N ARG A 169 -13.04 -7.69 14.92
CA ARG A 169 -12.70 -8.46 16.14
C ARG A 169 -12.60 -9.97 15.90
N ARG A 170 -13.51 -10.51 15.09
CA ARG A 170 -13.50 -11.91 14.72
C ARG A 170 -12.20 -12.22 13.98
N TYR A 171 -11.83 -11.39 13.02
CA TYR A 171 -10.58 -11.63 12.28
C TYR A 171 -9.35 -11.55 13.18
N LEU A 172 -9.32 -10.60 14.09
CA LEU A 172 -8.18 -10.50 15.03
C LEU A 172 -8.02 -11.75 15.89
N GLU A 173 -9.14 -12.36 16.27
CA GLU A 173 -9.08 -13.61 17.01
C GLU A 173 -8.60 -14.75 16.11
N ASN A 174 -9.26 -14.93 14.98
CA ASN A 174 -8.93 -16.05 14.09
C ASN A 174 -7.52 -15.94 13.57
N GLY A 175 -7.04 -14.72 13.39
CA GLY A 175 -5.69 -14.44 12.96
C GLY A 175 -4.74 -14.05 14.05
N LYS A 176 -5.03 -14.47 15.28
CA LYS A 176 -4.24 -13.97 16.40
C LYS A 176 -2.76 -14.31 16.35
N GLU A 177 -2.39 -15.41 15.72
CA GLU A 177 -0.98 -15.79 15.60
C GLU A 177 -0.13 -14.78 14.84
N THR A 178 -0.76 -14.08 13.88
CA THR A 178 -0.04 -13.13 13.03
C THR A 178 -0.44 -11.69 13.24
N LEU A 179 -1.74 -11.44 13.27
CA LEU A 179 -2.27 -10.08 13.36
C LEU A 179 -1.91 -9.47 14.70
N GLN A 180 -1.82 -10.29 15.76
CA GLN A 180 -1.44 -9.79 17.06
C GLN A 180 0.01 -10.13 17.44
N ARG A 181 0.86 -10.32 16.43
CA ARG A 181 2.27 -10.53 16.63
C ARG A 181 3.02 -9.43 15.93
N ALA A 182 3.79 -8.66 16.67
CA ALA A 182 4.67 -7.66 16.07
C ALA A 182 6.03 -8.27 15.92
N ASP A 183 6.59 -8.24 14.72
CA ASP A 183 7.91 -8.81 14.46
C ASP A 183 8.92 -7.69 14.46
N PRO A 184 9.89 -7.74 15.36
CA PRO A 184 10.88 -6.65 15.42
C PRO A 184 11.79 -6.64 14.21
N PRO A 185 12.38 -5.49 13.91
CA PRO A 185 13.38 -5.41 12.86
C PRO A 185 14.66 -6.15 13.27
N LYS A 186 15.23 -6.82 12.29
CA LYS A 186 16.62 -7.25 12.36
C LYS A 186 17.46 -6.08 11.84
N THR A 187 18.49 -5.72 12.59
CA THR A 187 19.19 -4.47 12.31
C THR A 187 20.67 -4.70 12.17
N HIS A 188 21.28 -3.90 11.31
CA HIS A 188 22.73 -3.89 11.17
C HIS A 188 23.15 -2.57 10.50
N VAL A 189 24.44 -2.21 10.64
CA VAL A 189 24.96 -0.97 10.08
C VAL A 189 26.06 -1.36 9.10
N THR A 190 25.96 -0.86 7.88
CA THR A 190 26.96 -1.05 6.85
C THR A 190 27.69 0.27 6.57
N HIS A 191 28.86 0.12 5.96
CA HIS A 191 29.83 1.21 5.77
C HIS A 191 30.25 1.26 4.29
N HIS A 192 30.10 2.42 3.67
CA HIS A 192 30.28 2.57 2.23
C HIS A 192 31.18 3.76 1.89
N PRO A 193 32.46 3.48 1.70
CA PRO A 193 33.43 4.52 1.34
C PRO A 193 32.97 5.38 0.17
N ILE A 194 33.04 6.70 0.32
CA ILE A 194 32.80 7.64 -0.76
C ILE A 194 34.15 8.12 -1.35
N SER A 195 35.07 8.45 -0.46
CA SER A 195 36.45 8.86 -0.79
C SER A 195 37.34 8.44 0.37
N ASP A 196 38.63 8.82 0.34
CA ASP A 196 39.46 8.50 1.47
C ASP A 196 38.98 9.26 2.74
N HIS A 197 38.19 10.31 2.56
CA HIS A 197 37.83 11.22 3.65
C HIS A 197 36.44 11.08 4.24
N GLU A 198 35.56 10.37 3.56
CA GLU A 198 34.22 10.17 4.15
C GLU A 198 33.56 8.90 3.63
N ALA A 199 32.53 8.45 4.35
CA ALA A 199 31.82 7.25 3.98
C ALA A 199 30.38 7.40 4.46
N THR A 200 29.52 6.61 3.85
CA THR A 200 28.13 6.54 4.26
C THR A 200 27.97 5.41 5.29
N LEU A 201 27.36 5.70 6.44
CA LEU A 201 26.87 4.68 7.35
C LEU A 201 25.37 4.49 7.05
N ARG A 202 24.98 3.25 6.80
CA ARG A 202 23.57 2.91 6.47
C ARG A 202 23.09 1.98 7.55
N CYS A 203 21.99 2.35 8.20
CA CYS A 203 21.40 1.57 9.29
C CYS A 203 20.16 0.90 8.71
N TRP A 204 20.13 -0.41 8.76
CA TRP A 204 19.11 -1.22 8.14
C TRP A 204 18.16 -1.78 9.17
N ALA A 205 16.87 -1.80 8.81
CA ALA A 205 15.82 -2.45 9.58
C ALA A 205 15.08 -3.37 8.63
N LEU A 206 15.13 -4.67 8.87
CA LEU A 206 14.57 -5.65 7.96
C LEU A 206 13.64 -6.63 8.67
N GLY A 207 12.62 -7.06 7.99
CA GLY A 207 11.78 -8.15 8.47
C GLY A 207 10.79 -7.80 9.56
N PHE A 208 10.39 -6.54 9.63
CA PHE A 208 9.53 -6.07 10.70
C PHE A 208 8.07 -6.00 10.25
N TYR A 209 7.19 -6.10 11.23
CA TYR A 209 5.73 -6.02 11.05
C TYR A 209 5.17 -5.55 12.36
N PRO A 210 4.30 -4.53 12.39
CA PRO A 210 3.75 -3.81 11.26
C PRO A 210 4.72 -2.78 10.71
N ALA A 211 4.28 -2.02 9.70
CA ALA A 211 5.19 -1.11 8.99
C ALA A 211 5.67 0.07 9.84
N GLU A 212 4.88 0.51 10.81
CA GLU A 212 5.25 1.66 11.64
C GLU A 212 6.61 1.42 12.30
N ILE A 213 7.53 2.36 12.12
CA ILE A 213 8.85 2.25 12.73
C ILE A 213 9.46 3.65 12.82
N THR A 214 10.44 3.83 13.71
CA THR A 214 11.21 5.08 13.76
C THR A 214 12.66 4.70 13.72
N LEU A 215 13.38 5.26 12.76
CA LEU A 215 14.80 5.02 12.57
C LEU A 215 15.47 6.36 12.45
N THR A 216 16.45 6.61 13.32
CA THR A 216 17.17 7.89 13.33
C THR A 216 18.66 7.66 13.59
N TRP A 217 19.47 8.64 13.19
CA TRP A 217 20.88 8.71 13.48
C TRP A 217 21.12 9.90 14.42
N GLN A 218 21.99 9.69 15.38
CA GLN A 218 22.49 10.73 16.27
C GLN A 218 24.00 10.80 16.12
N ARG A 219 24.52 12.00 16.40
CA ARG A 219 25.96 12.24 16.44
C ARG A 219 26.22 12.86 17.79
N ASP A 220 27.10 12.24 18.56
CA ASP A 220 27.35 12.62 19.98
C ASP A 220 26.04 12.74 20.78
N GLY A 221 25.08 11.85 20.49
CA GLY A 221 23.81 11.88 21.20
C GLY A 221 22.87 13.01 20.77
N GLU A 222 23.14 13.64 19.62
CA GLU A 222 22.31 14.74 19.10
C GLU A 222 21.66 14.39 17.77
N ASP A 223 20.41 14.79 17.55
CA ASP A 223 19.67 14.29 16.39
C ASP A 223 20.24 14.92 15.12
N GLN A 224 20.31 14.13 14.06
CA GLN A 224 20.91 14.53 12.78
C GLN A 224 19.85 14.48 11.68
N THR A 225 18.66 14.97 12.01
CA THR A 225 17.49 14.90 11.13
C THR A 225 17.76 15.50 9.75
N GLN A 226 18.30 16.72 9.70
CA GLN A 226 18.59 17.39 8.40
C GLN A 226 19.62 16.68 7.50
N ASP A 227 20.50 15.85 8.05
CA ASP A 227 21.54 15.23 7.25
C ASP A 227 21.36 13.72 7.04
N THR A 228 20.20 13.21 7.48
CA THR A 228 19.88 11.80 7.29
C THR A 228 19.05 11.57 6.04
N GLU A 229 19.51 10.64 5.21
CA GLU A 229 18.74 10.11 4.12
C GLU A 229 17.90 8.91 4.60
N LEU A 230 16.59 9.02 4.45
CA LEU A 230 15.67 8.04 4.98
C LEU A 230 14.78 7.54 3.85
N VAL A 231 14.89 6.27 3.45
CA VAL A 231 14.07 5.78 2.36
C VAL A 231 12.70 5.43 2.89
N GLU A 232 11.72 5.49 1.99
CA GLU A 232 10.35 5.12 2.31
C GLU A 232 10.29 3.65 2.69
N THR A 233 9.46 3.37 3.69
CA THR A 233 9.26 2.00 4.13
C THR A 233 8.69 1.16 2.99
N ARG A 234 9.21 -0.02 2.77
CA ARG A 234 8.94 -0.80 1.57
C ARG A 234 8.65 -2.25 1.94
N PRO A 235 7.72 -2.89 1.22
CA PRO A 235 7.35 -4.28 1.50
C PRO A 235 8.39 -5.29 1.03
N ALA A 236 8.75 -6.25 1.89
CA ALA A 236 9.68 -7.32 1.51
C ALA A 236 9.06 -8.39 0.64
N GLY A 237 7.71 -8.47 0.65
CA GLY A 237 6.97 -9.45 -0.11
C GLY A 237 6.52 -10.70 0.61
N ASP A 238 6.91 -10.82 1.87
CA ASP A 238 6.58 -11.93 2.78
C ASP A 238 5.77 -11.48 4.01
N ARG A 239 5.09 -10.35 3.86
CA ARG A 239 4.28 -9.74 4.95
C ARG A 239 5.07 -8.67 5.69
N THR A 240 6.39 -8.76 5.68
CA THR A 240 7.23 -7.84 6.46
C THR A 240 7.66 -6.60 5.64
N PHE A 241 8.32 -5.66 6.33
CA PHE A 241 8.76 -4.40 5.75
C PHE A 241 10.23 -4.16 6.02
N GLN A 242 10.76 -3.23 5.21
CA GLN A 242 12.17 -2.82 5.28
C GLN A 242 12.26 -1.30 5.31
N LYS A 243 13.34 -0.81 5.92
CA LYS A 243 13.68 0.59 5.87
C LYS A 243 15.15 0.76 6.16
N TRP A 244 15.73 1.83 5.64
CA TRP A 244 17.07 2.23 6.03
C TRP A 244 17.22 3.72 6.18
N ALA A 245 18.21 4.11 6.97
CA ALA A 245 18.59 5.52 7.24
C ALA A 245 20.10 5.63 7.06
N ALA A 246 20.57 6.68 6.39
CA ALA A 246 21.99 6.83 6.12
C ALA A 246 22.48 8.23 6.40
N VAL A 247 23.74 8.31 6.85
CA VAL A 247 24.43 9.56 7.15
C VAL A 247 25.82 9.50 6.56
N VAL A 248 26.32 10.65 6.14
CA VAL A 248 27.68 10.74 5.60
C VAL A 248 28.59 11.22 6.72
N VAL A 249 29.63 10.46 7.00
CA VAL A 249 30.47 10.70 8.20
C VAL A 249 31.94 10.81 7.82
N PRO A 250 32.65 11.73 8.45
CA PRO A 250 34.09 11.82 8.17
C PRO A 250 34.85 10.58 8.60
N SER A 251 35.88 10.19 7.82
CA SER A 251 36.65 8.99 8.11
C SER A 251 37.21 8.99 9.52
N GLY A 252 37.02 7.89 10.23
CA GLY A 252 37.51 7.73 11.59
C GLY A 252 36.62 8.23 12.71
N GLU A 253 35.53 8.92 12.37
CA GLU A 253 34.63 9.52 13.35
C GLU A 253 33.37 8.65 13.60
N GLU A 254 33.40 7.42 13.08
CA GLU A 254 32.21 6.59 13.03
C GLU A 254 31.63 6.26 14.41
N GLN A 255 32.47 6.14 15.42
CA GLN A 255 31.99 5.74 16.74
C GLN A 255 31.14 6.80 17.41
N ARG A 256 31.15 8.02 16.89
CA ARG A 256 30.34 9.10 17.45
C ARG A 256 28.89 9.04 16.96
N TYR A 257 28.63 8.16 15.98
CA TYR A 257 27.31 8.08 15.34
C TYR A 257 26.60 6.83 15.79
N THR A 258 25.36 7.03 16.21
CA THR A 258 24.51 5.92 16.68
C THR A 258 23.21 5.91 15.92
N CYS A 259 22.79 4.72 15.56
CA CYS A 259 21.46 4.47 14.96
C CYS A 259 20.47 4.05 16.03
N HIS A 260 19.30 4.68 16.02
CA HIS A 260 18.26 4.44 17.03
C HIS A 260 17.00 3.89 16.36
N VAL A 261 16.50 2.80 16.92
CA VAL A 261 15.41 2.05 16.31
C VAL A 261 14.31 1.84 17.34
N GLN A 262 13.12 2.29 16.99
CA GLN A 262 11.94 2.01 17.78
C GLN A 262 10.91 1.26 16.95
N HIS A 263 10.43 0.17 17.51
CA HIS A 263 9.41 -0.65 16.88
C HIS A 263 8.61 -1.46 17.94
N GLU A 264 7.32 -1.67 17.70
CA GLU A 264 6.45 -2.38 18.61
C GLU A 264 6.97 -3.76 19.01
N GLY A 265 7.72 -4.40 18.12
CA GLY A 265 8.19 -5.76 18.36
C GLY A 265 9.44 -5.84 19.20
N LEU A 266 10.12 -4.70 19.41
CA LEU A 266 11.40 -4.74 20.12
C LEU A 266 11.18 -4.81 21.63
N PRO A 267 11.96 -5.66 22.32
CA PRO A 267 11.94 -5.68 23.80
C PRO A 267 12.19 -4.28 24.36
N LYS A 268 13.18 -3.60 23.77
CA LYS A 268 13.47 -2.19 24.04
C LYS A 268 14.01 -1.52 22.78
N PRO A 269 13.92 -0.20 22.69
CA PRO A 269 14.52 0.53 21.57
C PRO A 269 16.01 0.25 21.50
N LEU A 270 16.54 0.18 20.27
CA LEU A 270 17.91 -0.20 20.03
C LEU A 270 18.75 1.01 19.77
N THR A 271 20.01 0.88 20.15
CA THR A 271 21.08 1.81 19.80
C THR A 271 22.18 0.97 19.17
N LEU A 272 22.57 1.29 17.94
CA LEU A 272 23.55 0.50 17.21
C LEU A 272 24.64 1.39 16.69
N ARG A 273 25.81 0.78 16.49
CA ARG A 273 26.91 1.45 15.83
C ARG A 273 27.51 0.55 14.77
N TRP A 274 28.25 1.15 13.85
CA TRP A 274 29.06 0.40 12.93
C TRP A 274 30.10 -0.36 13.71
N GLU A 275 30.25 -1.62 13.37
CA GLU A 275 31.22 -2.47 14.03
C GLU A 275 32.15 -2.98 12.95
N PRO A 276 33.32 -2.37 12.85
CA PRO A 276 34.35 -2.88 11.95
C PRO A 276 34.78 -4.27 12.43
N MET B 1 -6.31 17.52 -15.12
CA MET B 1 -6.15 16.54 -14.02
C MET B 1 -4.69 16.47 -13.54
N ILE B 2 -4.53 16.29 -12.23
CA ILE B 2 -3.19 16.26 -11.64
C ILE B 2 -2.61 14.84 -11.69
N GLN B 3 -1.35 14.77 -12.06
CA GLN B 3 -0.64 13.51 -12.18
C GLN B 3 0.48 13.54 -11.19
N ARG B 4 0.89 12.35 -10.73
CA ARG B 4 1.99 12.18 -9.78
C ARG B 4 2.88 11.06 -10.29
N THR B 5 4.18 11.32 -10.34
CA THR B 5 5.11 10.42 -10.97
C THR B 5 5.49 9.35 -9.92
N PRO B 6 5.72 8.11 -10.35
CA PRO B 6 6.04 7.09 -9.34
C PRO B 6 7.39 7.29 -8.67
N LYS B 7 7.41 7.02 -7.37
CA LYS B 7 8.62 6.64 -6.65
C LYS B 7 8.95 5.21 -6.99
N ILE B 8 10.25 4.90 -7.07
CA ILE B 8 10.72 3.58 -7.45
C ILE B 8 11.84 3.15 -6.51
N GLN B 9 11.70 1.95 -5.92
CA GLN B 9 12.80 1.29 -5.22
C GLN B 9 12.94 -0.12 -5.77
N VAL B 10 14.18 -0.52 -5.98
CA VAL B 10 14.54 -1.86 -6.43
C VAL B 10 15.48 -2.40 -5.35
N TYR B 11 15.18 -3.61 -4.92
CA TYR B 11 15.80 -4.21 -3.74
C TYR B 11 15.47 -5.71 -3.62
N SER B 12 16.22 -6.40 -2.76
CA SER B 12 16.00 -7.83 -2.53
C SER B 12 15.23 -8.03 -1.23
N ARG B 13 14.52 -9.14 -1.14
CA ARG B 13 13.80 -9.51 0.06
C ARG B 13 14.73 -9.77 1.25
N HIS B 14 15.85 -10.45 1.00
CA HIS B 14 16.90 -10.76 2.02
C HIS B 14 18.21 -10.13 1.59
N PRO B 15 19.14 -9.83 2.51
CA PRO B 15 20.45 -9.32 2.08
C PRO B 15 21.04 -10.30 1.08
N ALA B 16 21.65 -9.78 0.03
CA ALA B 16 22.07 -10.58 -1.09
C ALA B 16 23.31 -11.35 -0.70
N GLU B 17 23.31 -12.61 -1.09
CA GLU B 17 24.49 -13.47 -0.99
C GLU B 17 24.65 -14.16 -2.34
N ASN B 18 25.80 -13.98 -2.98
CA ASN B 18 26.01 -14.56 -4.30
C ASN B 18 25.76 -16.07 -4.28
N GLY B 19 25.01 -16.54 -5.27
CA GLY B 19 24.68 -17.94 -5.44
C GLY B 19 23.47 -18.46 -4.70
N LYS B 20 22.90 -17.63 -3.83
CA LYS B 20 21.75 -18.00 -3.00
C LYS B 20 20.48 -17.34 -3.52
N SER B 21 19.47 -18.18 -3.77
CA SER B 21 18.14 -17.78 -4.18
C SER B 21 17.56 -16.74 -3.22
N ASN B 22 16.79 -15.83 -3.78
CA ASN B 22 16.31 -14.62 -3.10
C ASN B 22 15.10 -14.14 -3.94
N PHE B 23 14.53 -12.98 -3.62
CA PHE B 23 13.52 -12.33 -4.43
C PHE B 23 13.96 -10.92 -4.78
N LEU B 24 13.75 -10.56 -6.03
CA LEU B 24 14.01 -9.23 -6.53
C LEU B 24 12.71 -8.49 -6.57
N ASN B 25 12.68 -7.35 -5.91
CA ASN B 25 11.50 -6.50 -5.80
C ASN B 25 11.66 -5.15 -6.50
N CYS B 26 10.58 -4.68 -7.12
CA CYS B 26 10.47 -3.33 -7.60
C CYS B 26 9.16 -2.78 -7.06
N TYR B 27 9.29 -1.79 -6.17
CA TYR B 27 8.15 -1.18 -5.50
C TYR B 27 7.94 0.17 -6.11
N VAL B 28 6.76 0.36 -6.72
CA VAL B 28 6.37 1.64 -7.28
C VAL B 28 5.24 2.20 -6.46
N SER B 29 5.34 3.47 -6.10
CA SER B 29 4.37 4.08 -5.20
C SER B 29 4.20 5.56 -5.45
N GLY B 30 3.14 6.12 -4.87
CA GLY B 30 2.90 7.56 -4.94
C GLY B 30 2.47 8.09 -6.28
N PHE B 31 1.92 7.25 -7.15
CA PHE B 31 1.62 7.64 -8.53
C PHE B 31 0.13 7.78 -8.82
N HIS B 32 -0.18 8.56 -9.85
CA HIS B 32 -1.53 8.70 -10.35
C HIS B 32 -1.36 9.25 -11.76
N PRO B 33 -2.11 8.79 -12.76
CA PRO B 33 -3.07 7.70 -12.64
C PRO B 33 -2.45 6.32 -12.43
N SER B 34 -3.28 5.28 -12.37
CA SER B 34 -2.86 3.97 -11.91
C SER B 34 -2.16 3.14 -13.01
N ASP B 35 -2.37 3.45 -14.28
CA ASP B 35 -1.75 2.57 -15.27
C ASP B 35 -0.25 2.82 -15.27
N ILE B 36 0.49 1.72 -15.22
CA ILE B 36 1.92 1.79 -15.10
C ILE B 36 2.46 0.49 -15.70
N GLU B 37 3.65 0.56 -16.27
CA GLU B 37 4.27 -0.57 -16.92
C GLU B 37 5.60 -0.83 -16.19
N VAL B 38 5.74 -2.01 -15.61
CA VAL B 38 6.93 -2.31 -14.83
C VAL B 38 7.52 -3.62 -15.35
N ASP B 39 8.81 -3.58 -15.70
CA ASP B 39 9.61 -4.75 -16.04
C ASP B 39 10.77 -4.92 -15.10
N LEU B 40 11.09 -6.17 -14.79
CA LEU B 40 12.34 -6.50 -14.14
C LEU B 40 13.27 -7.05 -15.22
N LEU B 41 14.52 -6.62 -15.18
CA LEU B 41 15.52 -6.92 -16.21
C LEU B 41 16.70 -7.65 -15.63
N LYS B 42 17.21 -8.63 -16.38
CA LYS B 42 18.45 -9.32 -16.07
C LYS B 42 19.37 -9.12 -17.28
N ASN B 43 20.51 -8.50 -17.07
CA ASN B 43 21.39 -8.03 -18.16
C ASN B 43 20.68 -7.38 -19.37
N GLY B 44 19.75 -6.48 -19.06
CA GLY B 44 19.02 -5.71 -20.03
C GLY B 44 17.83 -6.37 -20.69
N GLU B 45 17.57 -7.66 -20.38
CA GLU B 45 16.45 -8.38 -20.96
C GLU B 45 15.36 -8.61 -19.92
N ARG B 46 14.12 -8.66 -20.38
CA ARG B 46 12.98 -8.81 -19.48
C ARG B 46 12.99 -10.21 -18.85
N ILE B 47 12.86 -10.25 -17.53
CA ILE B 47 12.63 -11.48 -16.81
C ILE B 47 11.16 -11.86 -17.00
N GLU B 48 10.91 -13.10 -17.37
CA GLU B 48 9.58 -13.56 -17.65
C GLU B 48 8.92 -14.00 -16.34
N LYS B 49 7.61 -13.99 -16.34
CA LYS B 49 6.79 -14.54 -15.26
C LYS B 49 6.87 -13.75 -13.96
N VAL B 50 7.20 -12.48 -14.05
CA VAL B 50 7.25 -11.60 -12.85
C VAL B 50 5.81 -11.49 -12.34
N GLU B 51 5.63 -11.56 -11.02
CA GLU B 51 4.30 -11.41 -10.40
C GLU B 51 4.14 -10.01 -9.81
N HIS B 52 2.93 -9.65 -9.48
CA HIS B 52 2.69 -8.32 -8.91
C HIS B 52 1.51 -8.39 -7.99
N SER B 53 1.50 -7.47 -7.05
CA SER B 53 0.41 -7.29 -6.14
C SER B 53 -0.81 -6.71 -6.84
N ASP B 54 -1.96 -6.78 -6.16
CA ASP B 54 -3.15 -6.15 -6.69
C ASP B 54 -3.18 -4.68 -6.33
N LEU B 55 -3.68 -3.87 -7.25
CA LEU B 55 -3.73 -2.43 -7.12
C LEU B 55 -4.36 -1.99 -5.80
N SER B 56 -3.61 -1.17 -5.08
CA SER B 56 -4.13 -0.58 -3.88
C SER B 56 -3.59 0.83 -3.81
N PHE B 57 -3.99 1.53 -2.78
CA PHE B 57 -3.66 2.95 -2.65
C PHE B 57 -3.56 3.45 -1.20
N SER B 58 -2.84 4.55 -1.10
CA SER B 58 -2.50 5.18 0.18
C SER B 58 -3.56 6.20 0.59
N LYS B 59 -3.40 6.74 1.79
CA LYS B 59 -4.35 7.70 2.31
C LYS B 59 -4.60 8.88 1.41
N ASP B 60 -3.55 9.34 0.73
CA ASP B 60 -3.67 10.44 -0.20
C ASP B 60 -4.17 10.06 -1.59
N TRP B 61 -4.69 8.83 -1.72
CA TRP B 61 -5.24 8.28 -2.98
C TRP B 61 -4.20 7.84 -3.98
N SER B 62 -2.91 8.12 -3.75
CA SER B 62 -1.91 7.64 -4.71
C SER B 62 -1.70 6.13 -4.64
N PHE B 63 -1.35 5.54 -5.79
CA PHE B 63 -1.31 4.09 -5.96
C PHE B 63 0.01 3.49 -5.63
N TYR B 64 0.00 2.21 -5.26
CA TYR B 64 1.24 1.48 -5.08
C TYR B 64 1.09 0.03 -5.54
N LEU B 65 2.19 -0.50 -6.02
CA LEU B 65 2.31 -1.88 -6.47
C LEU B 65 3.68 -2.45 -6.22
N LEU B 66 3.73 -3.76 -5.95
CA LEU B 66 4.99 -4.51 -5.81
C LEU B 66 5.08 -5.53 -6.92
N TYR B 67 6.18 -5.48 -7.69
CA TYR B 67 6.52 -6.45 -8.73
C TYR B 67 7.68 -7.24 -8.18
N TYR B 68 7.62 -8.55 -8.35
CA TYR B 68 8.66 -9.41 -7.77
C TYR B 68 8.85 -10.71 -8.54
N THR B 69 10.06 -11.23 -8.39
CA THR B 69 10.45 -12.51 -8.96
C THR B 69 11.58 -13.13 -8.17
N GLU B 70 11.62 -14.45 -8.21
CA GLU B 70 12.74 -15.21 -7.68
C GLU B 70 14.00 -14.88 -8.49
N PHE B 71 15.13 -14.73 -7.82
CA PHE B 71 16.41 -14.51 -8.51
C PHE B 71 17.55 -14.99 -7.63
N THR B 72 18.68 -15.28 -8.28
CA THR B 72 19.88 -15.68 -7.61
C THR B 72 20.93 -14.66 -8.01
N PRO B 73 21.26 -13.73 -7.12
CA PRO B 73 22.26 -12.72 -7.44
C PRO B 73 23.66 -13.34 -7.61
N THR B 74 24.46 -12.75 -8.48
CA THR B 74 25.88 -13.09 -8.62
C THR B 74 26.72 -11.82 -8.63
N GLU B 75 28.05 -11.98 -8.67
CA GLU B 75 28.92 -10.82 -8.76
C GLU B 75 28.67 -10.06 -10.06
N LYS B 76 28.42 -10.78 -11.16
CA LYS B 76 28.48 -10.22 -12.51
C LYS B 76 27.13 -9.79 -13.09
N ASP B 77 26.07 -10.52 -12.76
CA ASP B 77 24.78 -10.24 -13.36
C ASP B 77 24.23 -8.91 -12.88
N GLU B 78 23.70 -8.12 -13.80
CA GLU B 78 23.14 -6.81 -13.52
C GLU B 78 21.61 -6.91 -13.53
N TYR B 79 20.98 -6.51 -12.42
CA TYR B 79 19.52 -6.47 -12.36
C TYR B 79 19.03 -5.05 -12.31
N ALA B 80 17.83 -4.81 -12.86
CA ALA B 80 17.23 -3.48 -12.90
C ALA B 80 15.69 -3.57 -12.97
N CYS B 81 15.07 -2.43 -12.74
CA CYS B 81 13.63 -2.26 -12.91
C CYS B 81 13.42 -1.15 -13.96
N ARG B 82 12.57 -1.40 -14.95
CA ARG B 82 12.18 -0.43 -15.96
C ARG B 82 10.73 -0.05 -15.73
N VAL B 83 10.49 1.24 -15.60
CA VAL B 83 9.17 1.77 -15.27
C VAL B 83 8.72 2.79 -16.31
N ASN B 84 7.52 2.63 -16.81
CA ASN B 84 6.93 3.67 -17.65
C ASN B 84 5.58 4.09 -17.12
N HIS B 85 5.30 5.37 -17.26
CA HIS B 85 4.11 5.99 -16.67
C HIS B 85 3.86 7.24 -17.52
N VAL B 86 2.63 7.72 -17.56
CA VAL B 86 2.31 8.94 -18.36
C VAL B 86 3.15 10.17 -17.97
N THR B 87 3.62 10.25 -16.73
CA THR B 87 4.47 11.37 -16.28
C THR B 87 5.91 11.32 -16.79
N LEU B 88 6.31 10.19 -17.39
CA LEU B 88 7.67 10.01 -17.87
C LEU B 88 7.74 10.13 -19.39
N SER B 89 8.69 10.90 -19.88
CA SER B 89 8.88 11.05 -21.33
C SER B 89 9.48 9.81 -21.98
N GLN B 90 10.22 9.04 -21.19
CA GLN B 90 10.75 7.77 -21.60
C GLN B 90 10.81 6.87 -20.38
N PRO B 91 10.90 5.57 -20.59
CA PRO B 91 11.01 4.63 -19.46
C PRO B 91 12.21 4.93 -18.59
N LYS B 92 12.03 4.74 -17.28
CA LYS B 92 13.06 5.06 -16.31
C LYS B 92 13.63 3.72 -15.90
N ILE B 93 14.95 3.60 -15.90
CA ILE B 93 15.60 2.39 -15.42
C ILE B 93 16.29 2.68 -14.10
N VAL B 94 16.00 1.86 -13.10
CA VAL B 94 16.67 1.95 -11.81
C VAL B 94 17.42 0.64 -11.61
N LYS B 95 18.73 0.73 -11.44
CA LYS B 95 19.53 -0.44 -11.26
C LYS B 95 19.37 -1.00 -9.86
N TRP B 96 19.42 -2.32 -9.74
CA TRP B 96 19.50 -2.94 -8.43
C TRP B 96 20.91 -2.75 -7.86
N ASP B 97 20.97 -2.24 -6.64
CA ASP B 97 22.23 -2.09 -5.88
C ASP B 97 22.03 -2.81 -4.55
N ARG B 98 22.82 -3.85 -4.27
CA ARG B 98 22.61 -4.68 -3.08
C ARG B 98 22.83 -3.91 -1.77
N ASP B 99 23.45 -2.74 -1.88
CA ASP B 99 23.70 -1.91 -0.72
C ASP B 99 22.61 -0.87 -0.48
N MET B 100 21.50 -0.95 -1.22
CA MET B 100 20.40 -0.02 -1.05
C MET B 100 19.05 -0.72 -1.11
N ARG C 1 -16.05 -8.27 7.15
CA ARG C 1 -16.83 -8.47 5.91
C ARG C 1 -17.37 -7.13 5.42
N ARG C 2 -17.65 -7.09 4.12
CA ARG C 2 -18.09 -5.89 3.45
C ARG C 2 -19.53 -5.47 3.80
N ARG C 3 -19.81 -4.20 3.55
CA ARG C 3 -21.17 -3.66 3.64
C ARG C 3 -21.98 -4.10 2.42
N TRP C 4 -23.19 -4.58 2.69
CA TRP C 4 -24.06 -5.14 1.65
C TRP C 4 -24.73 -4.15 0.68
N ARG C 5 -25.32 -3.09 1.23
CA ARG C 5 -26.14 -2.21 0.41
C ARG C 5 -25.31 -1.44 -0.61
N ARG C 6 -25.92 -1.25 -1.77
CA ARG C 6 -25.29 -0.49 -2.86
C ARG C 6 -25.39 1.01 -2.65
N LEU C 7 -24.49 1.73 -3.30
CA LEU C 7 -24.46 3.18 -3.28
C LEU C 7 -23.94 3.69 -4.60
N THR C 8 -24.65 4.65 -5.18
CA THR C 8 -24.20 5.32 -6.39
C THR C 8 -24.15 6.84 -6.13
N VAL C 9 -23.24 7.52 -6.82
CA VAL C 9 -23.04 8.96 -6.71
C VAL C 9 -24.10 9.77 -7.45
C1 GOL D . -3.23 0.24 5.79
O1 GOL D . -4.65 0.35 5.68
C2 GOL D . -2.71 -0.93 4.98
O2 GOL D . -1.30 -1.04 5.10
C3 GOL D . -3.12 -0.78 3.50
O3 GOL D . -2.51 0.36 2.89
C1 GOL E . -20.75 1.15 -1.77
O1 GOL E . -20.66 1.81 -3.01
C2 GOL E . -19.49 1.50 -0.97
O2 GOL E . -18.38 0.74 -1.47
C3 GOL E . -19.77 1.26 0.51
O3 GOL E . -20.68 2.26 0.95
C1 GOL F . 7.25 5.93 10.17
O1 GOL F . 6.47 4.77 10.28
C2 GOL F . 8.46 5.71 9.27
O2 GOL F . 9.49 6.61 9.65
C3 GOL F . 8.11 5.88 7.79
O3 GOL F . 7.19 6.92 7.55
C1 GOL G . -29.50 5.48 -1.99
O1 GOL G . -29.28 4.70 -0.83
C2 GOL G . -28.32 6.39 -2.27
O2 GOL G . -28.63 7.63 -2.86
C3 GOL G . -27.21 5.73 -3.07
O3 GOL G . -27.51 4.98 -4.19
C1 GOL H . -25.60 -7.12 -4.04
O1 GOL H . -26.19 -5.83 -4.23
C2 GOL H . -26.38 -8.09 -4.93
O2 GOL H . -26.09 -7.86 -6.28
C3 GOL H . -27.86 -7.82 -4.76
O3 GOL H . -28.56 -8.85 -5.41
#